data_1YN6
#
_entry.id   1YN6
#
_cell.length_a   56.216
_cell.length_b   56.216
_cell.length_c   273.504
_cell.angle_alpha   90.00
_cell.angle_beta   90.00
_cell.angle_gamma   90.00
#
_symmetry.space_group_name_H-M   'P 43 21 2'
#
loop_
_entity.id
_entity.type
_entity.pdbx_description
1 polymer 'H-2 class I histocompatibility antigen, D-B alpha chain'
2 polymer Beta-2-microglobulin
3 polymer '10-mer peptide from RNA-directed RNA polymerase subunit P2'
4 water water
#
loop_
_entity_poly.entity_id
_entity_poly.type
_entity_poly.pdbx_seq_one_letter_code
_entity_poly.pdbx_strand_id
1 'polypeptide(L)'
;PHSMRYFETAVSRPGLEEPRYISVGYVDNKEFVRFDSDAENPRYEPRAPWMEQEGPEYWERETQKAKGQEQWFRVSLRNL
LGYYNQSAGGSHTLQQMSGCDLGSDWRLLRGYLQFAYEGRDYIALNEDLKTWTAADMAAQITRRKWEQSGAAEHYKAYLE
GECVEWLHRYLKNGNATLLRTDSPKAHVTHHPRSKGEVTLRCWALGFYPADITLTWQLNGEELTQDMELVETRPAGDGTF
QKWASVVVPLGKEQNYTCRVYHEGLPEPLTLRW
;
A
2 'polypeptide(L)'
;MIQKTPQIQVYSRHPPENGKPNILNCYVTQFHPPHIEIQMLKNGKKIPKVEMSDMSFSKDWSFYILAHTEFTPTETDTYA
CRVKHDSMAEPKTVYWDRDM
;
B
3 'polypeptide(L)' SSLENFRAYV C
#
# COMPACT_ATOMS: atom_id res chain seq x y z
N PRO A 1 8.46 16.86 4.02
CA PRO A 1 7.75 15.71 3.37
C PRO A 1 7.94 14.40 4.15
N HIS A 2 8.84 14.42 5.12
CA HIS A 2 9.09 13.24 5.92
C HIS A 2 7.90 12.91 6.78
N SER A 3 7.73 11.61 7.04
CA SER A 3 6.59 11.18 7.84
C SER A 3 6.75 9.80 8.43
N MET A 4 5.88 9.50 9.39
CA MET A 4 5.82 8.19 10.03
C MET A 4 4.34 7.85 10.20
N ARG A 5 4.00 6.59 10.00
CA ARG A 5 2.62 6.15 10.11
C ARG A 5 2.52 4.72 10.55
N TYR A 6 1.47 4.42 11.29
CA TYR A 6 1.22 3.07 11.71
C TYR A 6 -0.16 2.77 11.14
N PHE A 7 -0.24 1.73 10.33
CA PHE A 7 -1.50 1.31 9.73
C PHE A 7 -1.89 0.06 10.48
N GLU A 8 -2.97 0.14 11.25
CA GLU A 8 -3.40 -1.00 12.03
C GLU A 8 -4.69 -1.59 11.50
N THR A 9 -4.78 -2.92 11.54
CA THR A 9 -5.96 -3.61 11.07
C THR A 9 -6.39 -4.71 12.04
N ALA A 10 -7.68 -4.71 12.37
CA ALA A 10 -8.23 -5.73 13.24
C ALA A 10 -9.39 -6.33 12.47
N VAL A 11 -9.37 -7.65 12.30
CA VAL A 11 -10.42 -8.34 11.59
C VAL A 11 -11.07 -9.34 12.53
N SER A 12 -12.38 -9.20 12.75
CA SER A 12 -13.07 -10.12 13.65
C SER A 12 -13.19 -11.51 13.04
N ARG A 13 -13.08 -12.52 13.90
CA ARG A 13 -13.19 -13.91 13.48
C ARG A 13 -14.40 -14.51 14.18
N PRO A 14 -15.53 -14.58 13.47
CA PRO A 14 -16.78 -15.13 14.02
C PRO A 14 -16.54 -16.38 14.87
N GLY A 15 -17.21 -16.43 16.02
CA GLY A 15 -17.08 -17.58 16.88
C GLY A 15 -15.87 -17.53 17.80
N LEU A 16 -14.92 -16.65 17.48
CA LEU A 16 -13.71 -16.53 18.30
C LEU A 16 -13.69 -15.26 19.13
N GLU A 17 -12.89 -15.30 20.18
CA GLU A 17 -12.76 -14.18 21.11
C GLU A 17 -11.78 -13.14 20.58
N GLU A 18 -10.59 -13.60 20.18
CA GLU A 18 -9.54 -12.72 19.67
C GLU A 18 -9.60 -12.49 18.17
N PRO A 19 -9.55 -11.23 17.75
CA PRO A 19 -9.60 -10.89 16.33
C PRO A 19 -8.17 -10.90 15.80
N ARG A 20 -8.00 -10.98 14.49
CA ARG A 20 -6.64 -10.93 13.97
C ARG A 20 -6.26 -9.45 13.96
N TYR A 21 -5.07 -9.17 14.45
CA TYR A 21 -4.56 -7.81 14.52
C TYR A 21 -3.22 -7.72 13.81
N ILE A 22 -3.12 -6.77 12.90
CA ILE A 22 -1.89 -6.55 12.14
C ILE A 22 -1.52 -5.09 12.22
N SER A 23 -0.29 -4.82 12.60
CA SER A 23 0.18 -3.45 12.69
C SER A 23 1.44 -3.28 11.83
N VAL A 24 1.44 -2.27 10.96
CA VAL A 24 2.59 -2.00 10.11
C VAL A 24 3.01 -0.55 10.26
N GLY A 25 4.28 -0.32 10.55
CA GLY A 25 4.78 1.03 10.70
C GLY A 25 5.55 1.43 9.45
N TYR A 26 5.47 2.71 9.10
CA TYR A 26 6.16 3.24 7.93
C TYR A 26 6.87 4.55 8.24
N VAL A 27 8.00 4.77 7.58
CA VAL A 27 8.75 6.02 7.68
C VAL A 27 8.99 6.40 6.22
N ASP A 28 8.49 7.56 5.81
CA ASP A 28 8.61 8.01 4.44
C ASP A 28 8.10 6.93 3.48
N ASN A 29 6.98 6.33 3.83
CA ASN A 29 6.33 5.28 3.03
C ASN A 29 7.08 3.95 2.89
N LYS A 30 8.09 3.73 3.72
CA LYS A 30 8.85 2.49 3.68
C LYS A 30 8.47 1.66 4.90
N GLU A 31 8.02 0.43 4.69
CA GLU A 31 7.65 -0.40 5.83
C GLU A 31 8.92 -0.63 6.64
N PHE A 32 8.86 -0.43 7.96
CA PHE A 32 10.04 -0.64 8.80
C PHE A 32 9.81 -1.58 9.97
N VAL A 33 8.56 -1.77 10.36
CA VAL A 33 8.20 -2.69 11.43
C VAL A 33 6.85 -3.31 11.11
N ARG A 34 6.56 -4.44 11.75
CA ARG A 34 5.30 -5.14 11.55
C ARG A 34 5.03 -6.11 12.69
N PHE A 35 3.77 -6.16 13.11
CA PHE A 35 3.34 -7.08 14.15
C PHE A 35 2.14 -7.80 13.58
N ASP A 36 2.14 -9.12 13.65
CA ASP A 36 1.00 -9.89 13.13
C ASP A 36 0.53 -10.86 14.20
N SER A 37 -0.74 -10.74 14.54
CA SER A 37 -1.40 -11.56 15.53
C SER A 37 -1.30 -13.08 15.24
N ASP A 38 -1.25 -13.43 13.96
CA ASP A 38 -1.19 -14.82 13.53
C ASP A 38 0.15 -15.57 13.68
N ALA A 39 1.25 -14.83 13.74
CA ALA A 39 2.57 -15.45 13.87
C ALA A 39 2.63 -16.50 14.99
N GLU A 40 3.55 -17.45 14.81
CA GLU A 40 3.74 -18.52 15.80
C GLU A 40 4.08 -17.90 17.14
N ASN A 41 4.67 -16.71 17.10
CA ASN A 41 5.05 -15.99 18.31
C ASN A 41 4.97 -14.50 18.01
N PRO A 42 3.78 -13.91 18.18
CA PRO A 42 3.46 -12.49 17.96
C PRO A 42 4.49 -11.54 18.55
N ARG A 43 5.13 -10.77 17.69
CA ARG A 43 6.11 -9.81 18.14
C ARG A 43 6.38 -8.84 17.01
N TYR A 44 6.63 -7.58 17.35
CA TYR A 44 6.94 -6.59 16.34
C TYR A 44 8.27 -7.04 15.76
N GLU A 45 8.41 -6.99 14.45
CA GLU A 45 9.63 -7.42 13.78
C GLU A 45 10.21 -6.35 12.87
N PRO A 46 11.53 -6.34 12.71
CA PRO A 46 12.27 -5.40 11.87
C PRO A 46 11.94 -5.66 10.40
N ARG A 47 11.69 -4.61 9.63
CA ARG A 47 11.35 -4.78 8.22
C ARG A 47 12.24 -3.89 7.36
N ALA A 48 13.17 -3.21 8.02
CA ALA A 48 14.11 -2.34 7.34
C ALA A 48 15.47 -2.60 7.99
N PRO A 49 16.55 -2.62 7.20
CA PRO A 49 17.88 -2.88 7.77
C PRO A 49 18.29 -1.99 8.92
N TRP A 50 18.01 -0.70 8.79
CA TRP A 50 18.38 0.25 9.82
C TRP A 50 17.73 0.02 11.16
N MET A 51 16.72 -0.84 11.21
CA MET A 51 16.05 -1.13 12.47
C MET A 51 16.82 -2.13 13.31
N GLU A 52 17.88 -2.71 12.75
CA GLU A 52 18.66 -3.67 13.52
C GLU A 52 19.43 -2.94 14.62
N GLN A 53 19.40 -1.61 14.56
CA GLN A 53 20.05 -0.76 15.54
C GLN A 53 19.41 -0.89 16.92
N GLU A 54 18.10 -1.08 16.95
CA GLU A 54 17.34 -1.19 18.20
C GLU A 54 17.63 -2.43 19.04
N GLY A 55 17.82 -2.22 20.34
CA GLY A 55 18.09 -3.33 21.23
C GLY A 55 16.85 -4.16 21.50
N PRO A 56 17.00 -5.30 22.20
CA PRO A 56 15.90 -6.20 22.55
C PRO A 56 14.76 -5.55 23.33
N GLU A 57 15.07 -4.58 24.17
CA GLU A 57 14.03 -3.94 24.96
C GLU A 57 13.05 -3.15 24.09
N TYR A 58 13.53 -2.70 22.92
CA TYR A 58 12.67 -1.96 22.01
C TYR A 58 11.55 -2.86 21.52
N TRP A 59 11.92 -4.00 20.94
CA TRP A 59 10.94 -4.95 20.42
C TRP A 59 10.04 -5.45 21.54
N GLU A 60 10.61 -5.61 22.73
CA GLU A 60 9.85 -6.08 23.86
C GLU A 60 8.77 -5.06 24.20
N ARG A 61 9.15 -3.79 24.23
CA ARG A 61 8.20 -2.73 24.56
C ARG A 61 7.11 -2.61 23.50
N GLU A 62 7.50 -2.52 22.24
CA GLU A 62 6.53 -2.40 21.15
C GLU A 62 5.55 -3.56 21.14
N THR A 63 6.06 -4.77 21.38
CA THR A 63 5.23 -5.98 21.41
C THR A 63 4.18 -5.89 22.51
N GLN A 64 4.55 -5.39 23.67
CA GLN A 64 3.58 -5.28 24.75
C GLN A 64 2.46 -4.33 24.32
N LYS A 65 2.83 -3.18 23.79
CA LYS A 65 1.83 -2.21 23.36
C LYS A 65 0.86 -2.84 22.38
N ALA A 66 1.38 -3.68 21.49
CA ALA A 66 0.54 -4.34 20.50
C ALA A 66 -0.53 -5.17 21.20
N LYS A 67 -0.14 -5.85 22.27
CA LYS A 67 -1.07 -6.67 23.04
C LYS A 67 -2.20 -5.76 23.53
N GLY A 68 -1.81 -4.57 23.99
CA GLY A 68 -2.78 -3.60 24.46
C GLY A 68 -3.72 -3.20 23.34
N GLN A 69 -3.19 -2.97 22.15
CA GLN A 69 -4.03 -2.59 21.01
C GLN A 69 -5.01 -3.70 20.67
N GLU A 70 -4.55 -4.95 20.74
CA GLU A 70 -5.42 -6.09 20.43
C GLU A 70 -6.72 -6.00 21.22
N GLN A 71 -6.60 -5.73 22.51
CA GLN A 71 -7.76 -5.64 23.38
C GLN A 71 -8.66 -4.45 23.01
N TRP A 72 -8.05 -3.32 22.70
CA TRP A 72 -8.78 -2.11 22.34
C TRP A 72 -9.61 -2.38 21.08
N PHE A 73 -8.97 -2.97 20.07
CA PHE A 73 -9.67 -3.26 18.83
C PHE A 73 -10.74 -4.32 19.05
N ARG A 74 -10.46 -5.28 19.92
CA ARG A 74 -11.44 -6.32 20.20
C ARG A 74 -12.73 -5.73 20.77
N VAL A 75 -12.60 -4.88 21.79
CA VAL A 75 -13.77 -4.25 22.41
C VAL A 75 -14.47 -3.32 21.42
N SER A 76 -13.70 -2.48 20.73
CA SER A 76 -14.30 -1.57 19.76
C SER A 76 -15.12 -2.31 18.71
N LEU A 77 -14.58 -3.40 18.17
CA LEU A 77 -15.33 -4.14 17.18
C LEU A 77 -16.66 -4.64 17.72
N ARG A 78 -16.64 -5.10 18.97
CA ARG A 78 -17.86 -5.59 19.60
C ARG A 78 -18.85 -4.42 19.68
N ASN A 79 -18.38 -3.26 20.14
CA ASN A 79 -19.24 -2.08 20.25
C ASN A 79 -19.85 -1.69 18.91
N LEU A 80 -19.02 -1.68 17.86
CA LEU A 80 -19.48 -1.31 16.52
C LEU A 80 -20.59 -2.23 16.03
N LEU A 81 -20.48 -3.51 16.38
CA LEU A 81 -21.48 -4.49 15.97
C LEU A 81 -22.83 -3.99 16.48
N GLY A 82 -22.84 -3.49 17.71
CA GLY A 82 -24.05 -2.98 18.32
C GLY A 82 -24.54 -1.71 17.65
N TYR A 83 -23.63 -0.79 17.38
CA TYR A 83 -23.98 0.48 16.75
C TYR A 83 -24.73 0.26 15.44
N TYR A 84 -24.29 -0.71 14.65
CA TYR A 84 -24.89 -1.01 13.37
C TYR A 84 -25.92 -2.14 13.39
N ASN A 85 -26.19 -2.70 14.56
CA ASN A 85 -27.17 -3.79 14.66
C ASN A 85 -26.76 -4.92 13.70
N GLN A 86 -25.50 -5.31 13.77
CA GLN A 86 -24.96 -6.36 12.93
C GLN A 86 -24.84 -7.67 13.70
N SER A 87 -24.81 -8.79 12.98
CA SER A 87 -24.67 -10.09 13.60
C SER A 87 -23.18 -10.45 13.75
N ALA A 88 -22.85 -11.18 14.82
CA ALA A 88 -21.48 -11.59 15.09
C ALA A 88 -21.08 -12.78 14.23
N GLY A 89 -22.05 -13.37 13.54
CA GLY A 89 -21.77 -14.50 12.69
C GLY A 89 -20.84 -14.14 11.53
N GLY A 90 -20.80 -12.86 11.17
CA GLY A 90 -19.94 -12.43 10.08
C GLY A 90 -18.67 -11.71 10.49
N SER A 91 -17.72 -11.63 9.57
CA SER A 91 -16.45 -10.97 9.82
C SER A 91 -16.56 -9.47 9.56
N HIS A 92 -15.86 -8.66 10.35
CA HIS A 92 -15.87 -7.21 10.21
C HIS A 92 -14.47 -6.66 10.40
N THR A 93 -14.24 -5.44 9.91
CA THR A 93 -12.91 -4.85 10.02
C THR A 93 -12.89 -3.44 10.59
N LEU A 94 -11.87 -3.17 11.40
CA LEU A 94 -11.67 -1.88 12.01
C LEU A 94 -10.21 -1.53 11.72
N GLN A 95 -10.00 -0.36 11.11
CA GLN A 95 -8.66 0.09 10.74
C GLN A 95 -8.32 1.44 11.35
N GLN A 96 -7.01 1.67 11.51
CA GLN A 96 -6.53 2.90 12.07
C GLN A 96 -5.23 3.31 11.42
N MET A 97 -5.11 4.60 11.13
CA MET A 97 -3.89 5.17 10.58
C MET A 97 -3.56 6.30 11.53
N SER A 98 -2.30 6.36 11.96
CA SER A 98 -1.89 7.42 12.84
C SER A 98 -0.42 7.75 12.60
N GLY A 99 -0.04 8.99 12.87
CA GLY A 99 1.34 9.39 12.67
C GLY A 99 1.51 10.89 12.51
N CYS A 100 2.69 11.31 12.07
CA CYS A 100 2.98 12.73 11.90
C CYS A 100 3.81 13.03 10.64
N ASP A 101 3.73 14.28 10.19
CA ASP A 101 4.46 14.75 9.01
C ASP A 101 5.39 15.90 9.41
N LEU A 102 6.59 15.92 8.84
CA LEU A 102 7.52 17.01 9.10
C LEU A 102 7.62 17.86 7.83
N GLY A 103 7.59 19.18 7.99
CA GLY A 103 7.68 20.06 6.83
C GLY A 103 9.11 20.20 6.35
N SER A 104 9.37 21.19 5.48
CA SER A 104 10.72 21.41 4.98
C SER A 104 11.51 22.04 6.10
N ASP A 105 10.87 22.97 6.81
CA ASP A 105 11.46 23.56 8.01
C ASP A 105 11.27 22.23 8.72
N TRP A 106 12.02 21.89 9.76
CA TRP A 106 11.75 20.56 10.27
C TRP A 106 10.64 20.33 11.26
N ARG A 107 10.12 21.41 11.83
CA ARG A 107 9.04 21.29 12.78
C ARG A 107 7.91 20.36 12.35
N LEU A 108 7.11 19.95 13.32
CA LEU A 108 5.97 19.09 13.06
C LEU A 108 5.11 19.88 12.09
N LEU A 109 4.59 19.20 11.08
CA LEU A 109 3.73 19.84 10.09
C LEU A 109 2.28 19.54 10.45
N ARG A 110 1.99 18.27 10.74
CA ARG A 110 0.63 17.85 11.07
C ARG A 110 0.65 16.46 11.71
N GLY A 111 -0.38 16.17 12.50
CA GLY A 111 -0.49 14.88 13.14
C GLY A 111 -1.71 14.23 12.52
N TYR A 112 -1.78 12.91 12.50
CA TYR A 112 -2.94 12.22 11.93
C TYR A 112 -3.48 11.14 12.83
N LEU A 113 -4.79 10.93 12.75
CA LEU A 113 -5.47 9.90 13.49
C LEU A 113 -6.83 9.70 12.85
N GLN A 114 -6.99 8.57 12.19
CA GLN A 114 -8.24 8.27 11.53
C GLN A 114 -8.58 6.79 11.60
N PHE A 115 -9.87 6.53 11.73
CA PHE A 115 -10.37 5.17 11.82
C PHE A 115 -11.37 4.90 10.68
N ALA A 116 -11.50 3.63 10.32
CA ALA A 116 -12.42 3.21 9.27
C ALA A 116 -13.04 1.90 9.69
N TYR A 117 -14.34 1.76 9.47
CA TYR A 117 -15.03 0.51 9.81
C TYR A 117 -15.51 -0.07 8.51
N GLU A 118 -15.18 -1.33 8.28
CA GLU A 118 -15.56 -2.03 7.06
C GLU A 118 -14.95 -1.31 5.85
N GLY A 119 -13.80 -0.69 6.07
CA GLY A 119 -13.10 0.00 5.01
C GLY A 119 -13.67 1.35 4.60
N ARG A 120 -14.50 1.94 5.45
CA ARG A 120 -15.09 3.24 5.16
C ARG A 120 -14.76 4.21 6.28
N ASP A 121 -14.55 5.48 5.96
CA ASP A 121 -14.24 6.47 6.99
C ASP A 121 -15.24 6.35 8.13
N TYR A 122 -14.73 6.37 9.35
CA TYR A 122 -15.59 6.28 10.52
C TYR A 122 -15.49 7.58 11.30
N ILE A 123 -14.31 7.82 11.88
CA ILE A 123 -14.09 9.05 12.64
C ILE A 123 -12.63 9.47 12.50
N ALA A 124 -12.39 10.78 12.54
CA ALA A 124 -11.04 11.30 12.41
C ALA A 124 -10.78 12.52 13.27
N LEU A 125 -9.55 12.62 13.74
CA LEU A 125 -9.11 13.75 14.55
C LEU A 125 -8.77 14.85 13.56
N ASN A 126 -9.30 16.05 13.79
CA ASN A 126 -9.03 17.17 12.92
C ASN A 126 -7.60 17.65 13.13
N GLU A 127 -7.09 18.42 12.18
CA GLU A 127 -5.73 18.91 12.25
C GLU A 127 -5.37 19.66 13.52
N ASP A 128 -6.35 20.27 14.17
CA ASP A 128 -6.07 20.98 15.41
C ASP A 128 -5.82 20.02 16.56
N LEU A 129 -5.95 18.72 16.30
CA LEU A 129 -5.74 17.69 17.32
C LEU A 129 -6.59 17.93 18.56
N LYS A 130 -7.80 18.46 18.35
CA LYS A 130 -8.71 18.75 19.46
C LYS A 130 -10.14 18.35 19.15
N THR A 131 -10.55 18.52 17.90
CA THR A 131 -11.91 18.18 17.51
C THR A 131 -11.97 16.94 16.63
N TRP A 132 -13.13 16.28 16.64
CA TRP A 132 -13.33 15.07 15.86
C TRP A 132 -14.31 15.28 14.72
N THR A 133 -14.09 14.54 13.63
CA THR A 133 -14.95 14.59 12.45
C THR A 133 -15.52 13.19 12.28
N ALA A 134 -16.83 13.06 12.46
CA ALA A 134 -17.49 11.75 12.31
C ALA A 134 -18.12 11.64 10.93
N ALA A 135 -18.01 10.46 10.32
CA ALA A 135 -18.56 10.24 8.99
C ALA A 135 -20.04 9.92 8.96
N ASP A 136 -20.56 9.27 10.01
CA ASP A 136 -21.97 8.93 10.03
C ASP A 136 -22.57 8.97 11.43
N MET A 137 -23.85 8.65 11.53
CA MET A 137 -24.55 8.68 12.81
C MET A 137 -23.87 7.84 13.87
N ALA A 138 -23.51 6.62 13.51
CA ALA A 138 -22.85 5.73 14.45
C ALA A 138 -21.62 6.43 15.02
N ALA A 139 -20.77 6.95 14.14
CA ALA A 139 -19.56 7.64 14.54
C ALA A 139 -19.85 8.85 15.42
N GLN A 140 -21.03 9.43 15.22
CA GLN A 140 -21.44 10.59 16.01
C GLN A 140 -21.47 10.16 17.47
N ILE A 141 -21.91 8.93 17.70
CA ILE A 141 -21.97 8.39 19.06
C ILE A 141 -20.55 8.41 19.62
N THR A 142 -19.61 7.84 18.87
CA THR A 142 -18.22 7.80 19.29
C THR A 142 -17.70 9.22 19.56
N ARG A 143 -17.94 10.11 18.61
CA ARG A 143 -17.52 11.52 18.71
C ARG A 143 -17.94 12.11 20.04
N ARG A 144 -19.24 12.05 20.35
CA ARG A 144 -19.76 12.60 21.59
C ARG A 144 -19.19 11.90 22.81
N LYS A 145 -18.92 10.60 22.66
CA LYS A 145 -18.35 9.83 23.75
C LYS A 145 -16.91 10.28 24.00
N TRP A 146 -16.14 10.51 22.93
CA TRP A 146 -14.75 10.92 23.06
C TRP A 146 -14.54 12.37 23.48
N GLU A 147 -15.47 13.26 23.13
CA GLU A 147 -15.34 14.66 23.54
C GLU A 147 -15.54 14.71 25.05
N GLN A 148 -16.53 13.97 25.53
CA GLN A 148 -16.85 13.91 26.96
C GLN A 148 -15.73 13.30 27.79
N SER A 149 -14.94 12.44 27.16
CA SER A 149 -13.84 11.80 27.87
C SER A 149 -12.51 12.53 27.67
N GLY A 150 -12.41 13.33 26.62
CA GLY A 150 -11.16 14.04 26.39
C GLY A 150 -10.05 13.12 25.92
N ALA A 151 -10.34 12.32 24.90
CA ALA A 151 -9.38 11.39 24.34
C ALA A 151 -8.39 12.15 23.46
N ALA A 152 -8.89 13.19 22.79
CA ALA A 152 -8.08 14.01 21.89
C ALA A 152 -6.74 14.42 22.49
N GLU A 153 -6.75 14.90 23.73
CA GLU A 153 -5.52 15.34 24.39
C GLU A 153 -4.51 14.21 24.46
N HIS A 154 -5.00 12.99 24.65
CA HIS A 154 -4.13 11.82 24.73
C HIS A 154 -3.40 11.66 23.39
N TYR A 155 -4.16 11.64 22.30
CA TYR A 155 -3.58 11.48 20.97
C TYR A 155 -2.67 12.63 20.58
N LYS A 156 -3.10 13.84 20.89
CA LYS A 156 -2.32 15.04 20.59
C LYS A 156 -0.93 14.93 21.20
N ALA A 157 -0.87 14.52 22.47
CA ALA A 157 0.40 14.37 23.18
C ALA A 157 1.35 13.43 22.46
N TYR A 158 0.85 12.25 22.10
CA TYR A 158 1.68 11.27 21.38
C TYR A 158 2.13 11.84 20.03
N LEU A 159 1.17 12.36 19.28
CA LEU A 159 1.41 12.90 17.95
C LEU A 159 2.40 14.06 17.88
N GLU A 160 2.42 14.90 18.91
CA GLU A 160 3.33 16.04 18.95
C GLU A 160 4.57 15.71 19.75
N GLY A 161 4.58 14.54 20.39
CA GLY A 161 5.73 14.17 21.19
C GLY A 161 6.50 12.96 20.72
N GLU A 162 6.10 11.81 21.23
CA GLU A 162 6.74 10.52 20.91
C GLU A 162 6.84 10.29 19.40
N CYS A 163 5.81 10.65 18.66
CA CYS A 163 5.78 10.44 17.22
C CYS A 163 6.92 11.20 16.54
N VAL A 164 7.11 12.46 16.95
CA VAL A 164 8.16 13.28 16.38
C VAL A 164 9.51 12.80 16.87
N GLU A 165 9.58 12.45 18.15
CA GLU A 165 10.81 11.97 18.74
C GLU A 165 11.40 10.82 17.93
N TRP A 166 10.62 9.75 17.79
CA TRP A 166 11.09 8.57 17.07
C TRP A 166 11.27 8.74 15.56
N LEU A 167 10.50 9.64 14.95
CA LEU A 167 10.65 9.87 13.52
C LEU A 167 12.04 10.46 13.28
N HIS A 168 12.44 11.44 14.10
CA HIS A 168 13.78 12.02 13.95
C HIS A 168 14.82 10.94 14.14
N ARG A 169 14.65 10.12 15.18
CA ARG A 169 15.59 9.04 15.43
C ARG A 169 15.67 8.11 14.23
N TYR A 170 14.53 7.65 13.74
CA TYR A 170 14.52 6.72 12.61
C TYR A 170 15.13 7.36 11.36
N LEU A 171 14.77 8.62 11.08
CA LEU A 171 15.34 9.28 9.93
C LEU A 171 16.87 9.39 10.08
N LYS A 172 17.34 9.43 11.32
CA LYS A 172 18.75 9.56 11.58
C LYS A 172 19.48 8.20 11.43
N ASN A 173 18.84 7.13 11.90
CA ASN A 173 19.45 5.81 11.80
C ASN A 173 19.42 5.19 10.40
N GLY A 174 18.36 5.45 9.64
CA GLY A 174 18.25 4.88 8.32
C GLY A 174 18.45 5.91 7.22
N ASN A 175 19.11 7.00 7.59
CA ASN A 175 19.39 8.11 6.69
C ASN A 175 19.91 7.66 5.32
N ALA A 176 20.96 6.85 5.33
CA ALA A 176 21.58 6.36 4.10
C ALA A 176 20.65 5.56 3.21
N THR A 177 19.60 4.98 3.80
CA THR A 177 18.63 4.19 3.05
C THR A 177 17.45 5.01 2.58
N LEU A 178 16.81 5.70 3.53
CA LEU A 178 15.64 6.53 3.25
C LEU A 178 15.86 7.73 2.32
N LEU A 179 17.01 8.39 2.45
CA LEU A 179 17.30 9.56 1.62
C LEU A 179 17.95 9.25 0.26
N ARG A 180 18.13 7.97 -0.04
CA ARG A 180 18.73 7.60 -1.32
C ARG A 180 17.69 7.63 -2.43
N THR A 181 18.17 7.57 -3.66
CA THR A 181 17.29 7.51 -4.81
C THR A 181 17.89 6.49 -5.75
N ASP A 182 17.07 6.02 -6.67
CA ASP A 182 17.48 5.08 -7.69
C ASP A 182 16.69 5.68 -8.85
N SER A 183 17.36 6.46 -9.68
CA SER A 183 16.67 7.09 -10.79
C SER A 183 16.14 6.00 -11.71
N PRO A 184 15.02 6.28 -12.39
CA PRO A 184 14.46 5.27 -13.28
C PRO A 184 15.26 4.95 -14.53
N LYS A 185 15.14 3.71 -14.99
CA LYS A 185 15.76 3.24 -16.22
C LYS A 185 14.55 3.17 -17.14
N ALA A 186 14.55 4.01 -18.16
CA ALA A 186 13.42 4.08 -19.07
C ALA A 186 13.70 3.71 -20.50
N HIS A 187 12.62 3.43 -21.22
CA HIS A 187 12.69 3.09 -22.64
C HIS A 187 11.28 3.06 -23.23
N VAL A 188 11.20 3.18 -24.54
CA VAL A 188 9.91 3.18 -25.23
C VAL A 188 9.78 1.95 -26.09
N THR A 189 8.58 1.36 -26.09
CA THR A 189 8.31 0.18 -26.89
C THR A 189 7.24 0.50 -27.91
N HIS A 190 7.17 -0.31 -28.97
CA HIS A 190 6.22 -0.10 -30.06
C HIS A 190 5.37 -1.36 -30.20
N HIS A 191 4.06 -1.20 -30.21
CA HIS A 191 3.18 -2.35 -30.32
C HIS A 191 2.02 -2.14 -31.28
N PRO A 192 1.57 -3.22 -31.92
CA PRO A 192 0.44 -3.14 -32.86
C PRO A 192 -0.80 -2.86 -32.00
N ARG A 193 -1.78 -2.14 -32.53
CA ARG A 193 -3.00 -1.83 -31.77
C ARG A 193 -4.25 -2.16 -32.60
N SER A 194 -4.45 -1.43 -33.69
CA SER A 194 -5.58 -1.65 -34.59
C SER A 194 -5.14 -1.14 -35.97
N LYS A 195 -6.04 -1.19 -36.94
CA LYS A 195 -5.69 -0.74 -38.29
C LYS A 195 -5.29 0.73 -38.35
N GLY A 196 -4.09 0.97 -38.87
CA GLY A 196 -3.58 2.33 -38.99
C GLY A 196 -3.17 2.97 -37.68
N GLU A 197 -3.14 2.17 -36.61
CA GLU A 197 -2.75 2.70 -35.31
C GLU A 197 -1.87 1.77 -34.49
N VAL A 198 -0.92 2.36 -33.75
CA VAL A 198 0.01 1.59 -32.95
C VAL A 198 0.10 2.16 -31.56
N THR A 199 0.63 1.38 -30.64
CA THR A 199 0.78 1.83 -29.27
C THR A 199 2.24 2.04 -28.93
N LEU A 200 2.52 3.15 -28.24
CA LEU A 200 3.87 3.47 -27.80
C LEU A 200 3.82 3.47 -26.28
N ARG A 201 4.66 2.64 -25.66
CA ARG A 201 4.72 2.52 -24.21
C ARG A 201 5.99 3.11 -23.63
N CYS A 202 5.83 4.03 -22.69
CA CYS A 202 7.00 4.62 -22.05
C CYS A 202 7.15 3.96 -20.68
N TRP A 203 8.22 3.16 -20.53
CA TRP A 203 8.49 2.44 -19.29
C TRP A 203 9.51 3.12 -18.39
N ALA A 204 9.27 3.06 -17.09
CA ALA A 204 10.18 3.61 -16.08
C ALA A 204 10.35 2.44 -15.11
N LEU A 205 11.56 1.91 -15.01
CA LEU A 205 11.81 0.75 -14.17
C LEU A 205 12.87 0.89 -13.08
N GLY A 206 12.69 0.09 -12.04
CA GLY A 206 13.62 0.05 -10.92
C GLY A 206 13.90 1.35 -10.19
N PHE A 207 12.92 2.23 -10.09
CA PHE A 207 13.14 3.51 -9.43
C PHE A 207 12.68 3.57 -7.98
N TYR A 208 13.26 4.50 -7.23
CA TYR A 208 12.96 4.72 -5.82
C TYR A 208 13.31 6.17 -5.49
N PRO A 209 12.44 6.87 -4.73
CA PRO A 209 11.16 6.44 -4.16
C PRO A 209 10.10 6.19 -5.24
N ALA A 210 8.88 5.85 -4.83
CA ALA A 210 7.82 5.56 -5.79
C ALA A 210 7.29 6.76 -6.57
N ASP A 211 7.41 7.96 -5.98
CA ASP A 211 6.94 9.18 -6.62
C ASP A 211 7.57 9.34 -8.01
N ILE A 212 6.74 9.59 -9.01
CA ILE A 212 7.23 9.77 -10.36
C ILE A 212 6.16 10.39 -11.24
N THR A 213 6.58 10.96 -12.36
CA THR A 213 5.67 11.58 -13.31
C THR A 213 6.10 11.25 -14.73
N LEU A 214 5.18 10.67 -15.48
CA LEU A 214 5.43 10.30 -16.87
C LEU A 214 4.44 11.09 -17.73
N THR A 215 4.92 11.68 -18.82
CA THR A 215 4.04 12.43 -19.71
C THR A 215 4.39 12.20 -21.17
N TRP A 216 3.42 12.43 -22.03
CA TRP A 216 3.62 12.29 -23.46
C TRP A 216 3.26 13.63 -24.08
N GLN A 217 3.92 13.95 -25.17
CA GLN A 217 3.67 15.20 -25.84
C GLN A 217 3.56 14.98 -27.34
N LEU A 218 2.74 15.82 -27.95
CA LEU A 218 2.52 15.82 -29.37
C LEU A 218 2.61 17.27 -29.78
N ASN A 219 3.64 17.58 -30.56
CA ASN A 219 3.85 18.93 -31.04
C ASN A 219 3.70 19.97 -29.94
N GLY A 220 4.50 19.82 -28.91
CA GLY A 220 4.49 20.77 -27.82
C GLY A 220 3.38 20.70 -26.79
N GLU A 221 2.46 19.76 -26.91
CA GLU A 221 1.38 19.66 -25.93
C GLU A 221 1.37 18.33 -25.23
N GLU A 222 1.12 18.35 -23.93
CA GLU A 222 1.08 17.10 -23.19
C GLU A 222 -0.25 16.43 -23.49
N LEU A 223 -0.21 15.13 -23.74
CA LEU A 223 -1.40 14.37 -24.06
C LEU A 223 -2.07 13.90 -22.79
N THR A 224 -2.54 14.88 -22.02
CA THR A 224 -3.19 14.64 -20.75
C THR A 224 -4.33 13.64 -20.77
N GLN A 225 -5.38 13.95 -21.53
CA GLN A 225 -6.56 13.10 -21.60
C GLN A 225 -6.56 12.04 -22.68
N ASP A 226 -5.40 11.70 -23.22
CA ASP A 226 -5.33 10.67 -24.25
C ASP A 226 -4.10 9.80 -23.99
N MET A 227 -3.92 9.48 -22.72
CA MET A 227 -2.79 8.70 -22.27
C MET A 227 -3.22 7.67 -21.22
N GLU A 228 -2.81 6.42 -21.39
CA GLU A 228 -3.14 5.38 -20.42
C GLU A 228 -1.95 5.27 -19.45
N LEU A 229 -2.20 5.61 -18.19
CA LEU A 229 -1.16 5.57 -17.16
C LEU A 229 -1.48 4.45 -16.17
N VAL A 230 -0.62 3.44 -16.06
CA VAL A 230 -0.89 2.36 -15.12
C VAL A 230 -0.56 2.82 -13.72
N GLU A 231 -1.10 2.11 -12.72
CA GLU A 231 -0.80 2.48 -11.35
C GLU A 231 0.59 1.92 -11.00
N THR A 232 1.35 2.72 -10.24
CA THR A 232 2.70 2.35 -9.83
C THR A 232 2.66 0.99 -9.15
N ARG A 233 3.62 0.14 -9.51
CA ARG A 233 3.66 -1.19 -8.94
C ARG A 233 5.06 -1.51 -8.45
N PRO A 234 5.17 -2.35 -7.40
CA PRO A 234 6.44 -2.76 -6.83
C PRO A 234 7.15 -3.81 -7.66
N ALA A 235 8.45 -3.63 -7.89
CA ALA A 235 9.19 -4.61 -8.67
C ALA A 235 9.44 -5.83 -7.78
N GLY A 236 9.38 -5.62 -6.47
CA GLY A 236 9.59 -6.72 -5.52
C GLY A 236 10.94 -6.70 -4.83
N ASP A 237 11.83 -5.84 -5.30
CA ASP A 237 13.18 -5.73 -4.72
C ASP A 237 13.38 -4.38 -4.05
N GLY A 238 12.30 -3.67 -3.79
CA GLY A 238 12.42 -2.37 -3.14
C GLY A 238 12.22 -1.22 -4.10
N THR A 239 12.31 -1.49 -5.39
CA THR A 239 12.13 -0.45 -6.40
C THR A 239 10.75 -0.61 -7.03
N PHE A 240 10.35 0.37 -7.82
CA PHE A 240 9.05 0.38 -8.47
C PHE A 240 9.08 0.47 -9.99
N GLN A 241 7.92 0.26 -10.59
CA GLN A 241 7.77 0.33 -12.02
C GLN A 241 6.53 1.15 -12.36
N LYS A 242 6.47 1.66 -13.58
CA LYS A 242 5.32 2.43 -14.04
C LYS A 242 5.48 2.68 -15.54
N TRP A 243 4.36 2.87 -16.23
CA TRP A 243 4.43 3.17 -17.64
C TRP A 243 3.19 3.93 -18.07
N ALA A 244 3.33 4.65 -19.17
CA ALA A 244 2.25 5.44 -19.75
C ALA A 244 2.31 5.21 -21.25
N SER A 245 1.17 4.91 -21.86
CA SER A 245 1.15 4.66 -23.30
C SER A 245 0.15 5.55 -24.02
N VAL A 246 0.32 5.65 -25.32
CA VAL A 246 -0.56 6.43 -26.18
C VAL A 246 -0.76 5.67 -27.48
N VAL A 247 -1.92 5.87 -28.10
CA VAL A 247 -2.23 5.22 -29.36
C VAL A 247 -2.00 6.27 -30.43
N VAL A 248 -1.11 5.98 -31.36
CA VAL A 248 -0.78 6.94 -32.40
C VAL A 248 -0.93 6.37 -33.81
N PRO A 249 -1.15 7.25 -34.79
CA PRO A 249 -1.29 6.83 -36.19
C PRO A 249 -0.01 6.15 -36.67
N LEU A 250 -0.14 5.05 -37.39
CA LEU A 250 1.04 4.36 -37.90
C LEU A 250 1.73 5.34 -38.83
N GLY A 251 3.02 5.54 -38.63
CA GLY A 251 3.75 6.46 -39.48
C GLY A 251 4.09 7.80 -38.86
N LYS A 252 3.43 8.15 -37.76
CA LYS A 252 3.69 9.43 -37.10
C LYS A 252 4.25 9.31 -35.68
N GLU A 253 4.83 8.15 -35.38
CA GLU A 253 5.40 7.89 -34.05
C GLU A 253 6.47 8.88 -33.64
N GLN A 254 7.30 9.27 -34.59
CA GLN A 254 8.38 10.21 -34.32
C GLN A 254 7.92 11.55 -33.80
N ASN A 255 6.63 11.86 -33.97
CA ASN A 255 6.09 13.15 -33.49
C ASN A 255 5.80 13.14 -31.99
N TYR A 256 5.91 11.98 -31.36
CA TYR A 256 5.62 11.86 -29.94
C TYR A 256 6.87 11.69 -29.07
N THR A 257 6.88 12.36 -27.92
CA THR A 257 7.99 12.26 -27.00
C THR A 257 7.50 12.00 -25.59
N CYS A 258 8.29 11.22 -24.85
CA CYS A 258 7.95 10.89 -23.47
C CYS A 258 8.93 11.55 -22.52
N ARG A 259 8.42 12.06 -21.41
CA ARG A 259 9.25 12.70 -20.40
C ARG A 259 9.10 12.00 -19.06
N VAL A 260 10.22 11.75 -18.40
CA VAL A 260 10.22 11.09 -17.11
C VAL A 260 10.77 12.04 -16.05
N TYR A 261 9.97 12.29 -15.01
CA TYR A 261 10.37 13.17 -13.92
C TYR A 261 10.44 12.37 -12.61
N HIS A 262 11.62 12.36 -12.00
CA HIS A 262 11.84 11.64 -10.74
C HIS A 262 12.87 12.45 -9.94
N GLU A 263 12.84 12.38 -8.61
CA GLU A 263 13.80 13.18 -7.87
C GLU A 263 15.24 12.72 -8.01
N GLY A 264 15.44 11.54 -8.59
CA GLY A 264 16.78 11.03 -8.80
C GLY A 264 17.30 11.55 -10.12
N LEU A 265 16.44 12.26 -10.85
CA LEU A 265 16.77 12.83 -12.14
C LEU A 265 16.90 14.36 -12.06
N PRO A 266 18.14 14.87 -12.04
CA PRO A 266 18.30 16.33 -11.97
C PRO A 266 17.63 17.01 -13.16
N GLU A 267 17.63 16.34 -14.30
CA GLU A 267 16.98 16.86 -15.50
C GLU A 267 16.05 15.76 -16.01
N PRO A 268 14.81 16.11 -16.39
CA PRO A 268 13.86 15.11 -16.90
C PRO A 268 14.36 14.40 -18.15
N LEU A 269 14.07 13.10 -18.26
CA LEU A 269 14.48 12.36 -19.45
C LEU A 269 13.52 12.68 -20.60
N THR A 270 13.96 12.41 -21.82
CA THR A 270 13.15 12.65 -23.02
C THR A 270 13.45 11.53 -24.00
N LEU A 271 12.47 10.64 -24.18
CA LEU A 271 12.65 9.53 -25.08
C LEU A 271 11.58 9.50 -26.16
N ARG A 272 11.78 8.61 -27.12
CA ARG A 272 10.84 8.41 -28.21
C ARG A 272 11.19 7.09 -28.91
N TRP A 273 10.23 6.55 -29.64
CA TRP A 273 10.44 5.29 -30.38
C TRP A 273 11.53 5.48 -31.41
N MET B 1 -20.83 -6.84 3.23
CA MET B 1 -21.59 -6.12 2.18
C MET B 1 -20.79 -4.99 1.55
N ILE B 2 -19.90 -4.40 2.34
CA ILE B 2 -19.05 -3.31 1.85
C ILE B 2 -17.92 -3.96 1.07
N GLN B 3 -18.17 -4.29 -0.19
CA GLN B 3 -17.16 -4.95 -1.00
C GLN B 3 -16.51 -4.12 -2.09
N LYS B 4 -15.22 -4.36 -2.29
CA LYS B 4 -14.44 -3.70 -3.32
C LYS B 4 -13.68 -4.75 -4.13
N THR B 5 -13.92 -4.75 -5.43
CA THR B 5 -13.29 -5.70 -6.34
C THR B 5 -11.81 -5.38 -6.52
N PRO B 6 -10.96 -6.40 -6.45
CA PRO B 6 -9.52 -6.15 -6.61
C PRO B 6 -9.06 -5.81 -8.02
N GLN B 7 -8.04 -4.97 -8.11
CA GLN B 7 -7.45 -4.61 -9.39
C GLN B 7 -6.26 -5.56 -9.41
N ILE B 8 -5.93 -6.08 -10.58
CA ILE B 8 -4.85 -7.05 -10.70
C ILE B 8 -3.86 -6.71 -11.82
N GLN B 9 -2.57 -6.74 -11.48
CA GLN B 9 -1.52 -6.50 -12.45
C GLN B 9 -0.60 -7.71 -12.39
N VAL B 10 -0.24 -8.25 -13.55
CA VAL B 10 0.65 -9.40 -13.65
C VAL B 10 1.83 -8.93 -14.50
N TYR B 11 3.04 -8.97 -13.94
CA TYR B 11 4.20 -8.48 -14.66
C TYR B 11 5.51 -9.07 -14.13
N SER B 12 6.58 -8.95 -14.91
CA SER B 12 7.88 -9.48 -14.50
C SER B 12 8.71 -8.39 -13.85
N ARG B 13 9.57 -8.79 -12.91
CA ARG B 13 10.45 -7.86 -12.22
C ARG B 13 11.41 -7.23 -13.23
N HIS B 14 12.02 -8.07 -14.06
CA HIS B 14 12.95 -7.58 -15.06
C HIS B 14 12.36 -7.73 -16.46
N PRO B 15 12.89 -6.96 -17.43
CA PRO B 15 12.39 -7.04 -18.81
C PRO B 15 12.40 -8.50 -19.25
N PRO B 16 11.30 -8.97 -19.87
CA PRO B 16 11.16 -10.35 -20.34
C PRO B 16 12.08 -10.77 -21.48
N GLU B 17 12.77 -11.89 -21.28
CA GLU B 17 13.66 -12.44 -22.30
C GLU B 17 13.50 -13.95 -22.30
N ASN B 18 12.85 -14.45 -23.34
CA ASN B 18 12.61 -15.89 -23.46
C ASN B 18 13.88 -16.68 -23.14
N GLY B 19 13.74 -17.70 -22.30
CA GLY B 19 14.89 -18.51 -21.93
C GLY B 19 15.63 -18.07 -20.67
N LYS B 20 15.50 -16.80 -20.31
CA LYS B 20 16.20 -16.29 -19.13
C LYS B 20 15.35 -16.21 -17.85
N PRO B 21 15.82 -16.82 -16.75
CA PRO B 21 15.13 -16.83 -15.46
C PRO B 21 14.73 -15.41 -15.04
N ASN B 22 13.56 -15.28 -14.44
CA ASN B 22 13.04 -13.99 -14.03
C ASN B 22 12.13 -14.22 -12.81
N ILE B 23 11.36 -13.21 -12.46
CA ILE B 23 10.42 -13.32 -11.35
C ILE B 23 9.10 -12.74 -11.82
N LEU B 24 8.04 -13.53 -11.68
CA LEU B 24 6.71 -13.08 -12.08
C LEU B 24 5.96 -12.52 -10.88
N ASN B 25 5.38 -11.32 -11.07
CA ASN B 25 4.63 -10.63 -10.03
C ASN B 25 3.12 -10.57 -10.29
N CYS B 26 2.34 -10.69 -9.22
CA CYS B 26 0.89 -10.57 -9.32
C CYS B 26 0.55 -9.62 -8.20
N TYR B 27 0.35 -8.36 -8.56
CA TYR B 27 0.04 -7.28 -7.62
C TYR B 27 -1.47 -7.06 -7.53
N VAL B 28 -2.05 -7.40 -6.38
CA VAL B 28 -3.49 -7.27 -6.18
C VAL B 28 -3.77 -6.13 -5.23
N THR B 29 -4.57 -5.17 -5.70
CA THR B 29 -4.89 -3.97 -4.93
C THR B 29 -6.37 -3.59 -4.91
N GLN B 30 -6.66 -2.52 -4.19
CA GLN B 30 -8.01 -1.95 -4.11
C GLN B 30 -9.15 -2.89 -3.71
N PHE B 31 -8.88 -3.89 -2.88
CA PHE B 31 -9.96 -4.80 -2.49
C PHE B 31 -10.34 -4.76 -1.01
N HIS B 32 -11.55 -5.23 -0.73
CA HIS B 32 -12.10 -5.31 0.63
C HIS B 32 -13.29 -6.26 0.57
N PRO B 33 -13.46 -7.15 1.57
CA PRO B 33 -12.68 -7.40 2.78
C PRO B 33 -11.25 -7.84 2.52
N PRO B 34 -10.44 -7.89 3.58
CA PRO B 34 -9.04 -8.31 3.43
C PRO B 34 -8.87 -9.75 2.98
N HIS B 35 -9.82 -10.63 3.29
CA HIS B 35 -9.71 -12.03 2.90
C HIS B 35 -9.59 -12.20 1.38
N ILE B 36 -8.57 -12.92 0.94
CA ILE B 36 -8.37 -13.12 -0.48
C ILE B 36 -7.45 -14.30 -0.75
N GLU B 37 -7.73 -15.04 -1.82
CA GLU B 37 -6.93 -16.19 -2.20
C GLU B 37 -6.32 -15.94 -3.57
N ILE B 38 -5.01 -16.12 -3.68
CA ILE B 38 -4.29 -15.88 -4.93
C ILE B 38 -3.47 -17.10 -5.35
N GLN B 39 -3.51 -17.44 -6.63
CA GLN B 39 -2.76 -18.57 -7.16
C GLN B 39 -2.10 -18.14 -8.47
N MET B 40 -0.84 -18.51 -8.68
CA MET B 40 -0.18 -18.15 -9.92
C MET B 40 -0.10 -19.40 -10.77
N LEU B 41 -0.36 -19.24 -12.06
CA LEU B 41 -0.40 -20.36 -12.98
C LEU B 41 0.55 -20.33 -14.18
N LYS B 42 0.97 -21.51 -14.60
CA LYS B 42 1.84 -21.72 -15.75
C LYS B 42 1.07 -22.74 -16.59
N ASN B 43 0.58 -22.33 -17.74
CA ASN B 43 -0.20 -23.22 -18.60
C ASN B 43 -1.36 -23.84 -17.83
N GLY B 44 -2.06 -23.02 -17.04
CA GLY B 44 -3.20 -23.51 -16.30
C GLY B 44 -2.91 -24.37 -15.06
N LYS B 45 -1.63 -24.57 -14.76
CA LYS B 45 -1.23 -25.37 -13.60
C LYS B 45 -0.63 -24.48 -12.50
N LYS B 46 -1.03 -24.72 -11.26
CA LYS B 46 -0.52 -23.93 -10.15
C LYS B 46 1.01 -24.06 -10.07
N ILE B 47 1.68 -22.92 -9.99
CA ILE B 47 3.14 -22.92 -9.90
C ILE B 47 3.51 -23.17 -8.45
N PRO B 48 4.36 -24.17 -8.20
CA PRO B 48 4.79 -24.50 -6.85
C PRO B 48 5.69 -23.43 -6.24
N LYS B 49 5.70 -23.36 -4.92
CA LYS B 49 6.52 -22.42 -4.18
C LYS B 49 6.34 -20.98 -4.65
N VAL B 50 5.10 -20.51 -4.54
CA VAL B 50 4.73 -19.16 -4.90
C VAL B 50 4.87 -18.41 -3.59
N GLU B 51 5.50 -17.24 -3.58
CA GLU B 51 5.66 -16.49 -2.34
C GLU B 51 4.69 -15.33 -2.21
N MET B 52 4.07 -15.23 -1.03
CA MET B 52 3.12 -14.16 -0.75
C MET B 52 3.76 -13.14 0.18
N SER B 53 3.57 -11.86 -0.10
CA SER B 53 4.11 -10.82 0.77
C SER B 53 3.06 -10.71 1.87
N ASP B 54 3.37 -9.98 2.93
CA ASP B 54 2.40 -9.78 3.99
C ASP B 54 1.43 -8.74 3.44
N MET B 55 0.19 -8.76 3.90
CA MET B 55 -0.80 -7.81 3.39
C MET B 55 -0.69 -6.45 4.06
N SER B 56 -1.18 -5.43 3.38
CA SER B 56 -1.14 -4.08 3.89
C SER B 56 -2.36 -3.38 3.30
N PHE B 57 -2.55 -2.11 3.66
CA PHE B 57 -3.66 -1.35 3.12
C PHE B 57 -3.16 0.06 2.83
N SER B 58 -3.76 0.70 1.83
CA SER B 58 -3.33 2.04 1.45
C SER B 58 -4.13 3.16 2.11
N LYS B 59 -3.71 4.40 1.86
CA LYS B 59 -4.36 5.56 2.44
C LYS B 59 -5.88 5.60 2.28
N ASP B 60 -6.41 4.92 1.28
CA ASP B 60 -7.85 4.93 1.08
C ASP B 60 -8.55 3.73 1.73
N TRP B 61 -7.82 3.04 2.60
CA TRP B 61 -8.28 1.88 3.37
C TRP B 61 -8.28 0.54 2.62
N SER B 62 -8.23 0.58 1.29
CA SER B 62 -8.24 -0.65 0.50
C SER B 62 -6.96 -1.46 0.75
N PHE B 63 -7.08 -2.79 0.73
CA PHE B 63 -5.92 -3.65 0.96
C PHE B 63 -5.16 -4.00 -0.31
N TYR B 64 -3.91 -4.41 -0.15
CA TYR B 64 -3.09 -4.82 -1.27
C TYR B 64 -2.10 -5.86 -0.82
N ILE B 65 -1.61 -6.65 -1.78
CA ILE B 65 -0.68 -7.73 -1.48
C ILE B 65 0.06 -8.11 -2.76
N LEU B 66 1.26 -8.65 -2.60
CA LEU B 66 2.07 -9.03 -3.76
C LEU B 66 2.45 -10.49 -3.73
N ALA B 67 2.04 -11.22 -4.76
CA ALA B 67 2.40 -12.62 -4.87
C ALA B 67 3.48 -12.66 -5.95
N HIS B 68 4.49 -13.51 -5.76
CA HIS B 68 5.57 -13.60 -6.74
C HIS B 68 6.21 -14.97 -6.77
N THR B 69 6.77 -15.34 -7.91
CA THR B 69 7.41 -16.63 -8.08
C THR B 69 8.44 -16.58 -9.19
N GLU B 70 9.39 -17.49 -9.14
CA GLU B 70 10.43 -17.58 -10.15
C GLU B 70 9.80 -18.19 -11.39
N PHE B 71 10.17 -17.67 -12.56
CA PHE B 71 9.67 -18.22 -13.81
C PHE B 71 10.63 -17.87 -14.93
N THR B 72 10.56 -18.64 -16.00
CA THR B 72 11.42 -18.43 -17.15
C THR B 72 10.46 -18.27 -18.30
N PRO B 73 10.23 -17.03 -18.76
CA PRO B 73 9.32 -16.76 -19.87
C PRO B 73 9.77 -17.46 -21.12
N THR B 74 8.82 -18.02 -21.85
CA THR B 74 9.16 -18.69 -23.10
C THR B 74 8.27 -18.18 -24.20
N GLU B 75 8.44 -18.82 -25.34
CA GLU B 75 7.69 -18.52 -26.56
C GLU B 75 6.24 -18.98 -26.44
N THR B 76 6.08 -20.20 -25.94
CA THR B 76 4.77 -20.83 -25.85
C THR B 76 4.07 -20.97 -24.50
N ASP B 77 4.81 -20.91 -23.39
CA ASP B 77 4.15 -21.08 -22.10
C ASP B 77 3.35 -19.84 -21.72
N THR B 78 2.22 -20.05 -21.07
CA THR B 78 1.40 -18.93 -20.66
C THR B 78 1.47 -18.84 -19.14
N TYR B 79 1.37 -17.63 -18.62
CA TYR B 79 1.39 -17.41 -17.17
C TYR B 79 0.20 -16.54 -16.80
N ALA B 80 -0.41 -16.84 -15.66
CA ALA B 80 -1.57 -16.07 -15.23
C ALA B 80 -1.70 -16.05 -13.71
N CYS B 81 -2.55 -15.15 -13.23
CA CYS B 81 -2.81 -15.04 -11.81
C CYS B 81 -4.31 -15.20 -11.62
N ARG B 82 -4.70 -16.12 -10.75
CA ARG B 82 -6.12 -16.35 -10.50
C ARG B 82 -6.45 -15.88 -9.10
N VAL B 83 -7.39 -14.96 -9.00
CA VAL B 83 -7.79 -14.39 -7.73
C VAL B 83 -9.23 -14.73 -7.33
N LYS B 84 -9.40 -15.21 -6.11
CA LYS B 84 -10.73 -15.53 -5.59
C LYS B 84 -11.00 -14.54 -4.47
N HIS B 85 -12.05 -13.74 -4.62
CA HIS B 85 -12.40 -12.74 -3.62
C HIS B 85 -13.93 -12.62 -3.50
N ASP B 86 -14.41 -12.36 -2.29
CA ASP B 86 -15.84 -12.26 -2.00
C ASP B 86 -16.60 -11.27 -2.88
N SER B 87 -15.91 -10.28 -3.39
CA SER B 87 -16.53 -9.27 -4.25
C SER B 87 -16.87 -9.83 -5.63
N MET B 88 -16.34 -11.01 -5.95
CA MET B 88 -16.60 -11.63 -7.23
C MET B 88 -17.29 -12.97 -7.07
N ALA B 89 -18.30 -13.21 -7.88
CA ALA B 89 -19.05 -14.44 -7.81
C ALA B 89 -18.20 -15.64 -8.26
N GLU B 90 -17.15 -15.34 -9.02
CA GLU B 90 -16.25 -16.36 -9.57
C GLU B 90 -14.80 -15.87 -9.62
N PRO B 91 -13.84 -16.80 -9.47
CA PRO B 91 -12.41 -16.49 -9.51
C PRO B 91 -12.02 -15.77 -10.80
N LYS B 92 -11.19 -14.74 -10.68
CA LYS B 92 -10.77 -14.00 -11.86
C LYS B 92 -9.35 -14.36 -12.24
N THR B 93 -9.17 -14.76 -13.49
CA THR B 93 -7.86 -15.14 -14.01
C THR B 93 -7.36 -14.09 -14.98
N VAL B 94 -6.21 -13.52 -14.67
CA VAL B 94 -5.59 -12.51 -15.52
C VAL B 94 -4.27 -13.07 -16.08
N TYR B 95 -4.12 -13.03 -17.40
CA TYR B 95 -2.90 -13.55 -18.01
C TYR B 95 -1.79 -12.53 -18.10
N TRP B 96 -0.56 -13.01 -18.05
CA TRP B 96 0.61 -12.17 -18.16
C TRP B 96 0.77 -11.75 -19.62
N ASP B 97 0.92 -10.45 -19.81
CA ASP B 97 1.11 -9.86 -21.13
C ASP B 97 2.45 -9.15 -20.99
N ARG B 98 3.49 -9.68 -21.63
CA ARG B 98 4.81 -9.09 -21.51
C ARG B 98 4.91 -7.63 -21.96
N ASP B 99 3.91 -7.11 -22.65
CA ASP B 99 3.96 -5.71 -23.10
C ASP B 99 3.28 -4.77 -22.10
N MET B 100 2.90 -5.31 -20.94
CA MET B 100 2.22 -4.54 -19.90
C MET B 100 2.90 -4.63 -18.53
N SER C 1 8.07 4.31 17.02
CA SER C 1 7.37 3.84 18.26
C SER C 1 5.87 3.99 18.09
N SER C 2 5.16 2.88 18.24
CA SER C 2 3.72 2.87 18.06
C SER C 2 2.94 3.54 19.19
N LEU C 3 1.71 3.92 18.86
CA LEU C 3 0.82 4.57 19.78
C LEU C 3 -0.06 3.56 20.51
N GLU C 4 -0.44 3.91 21.73
CA GLU C 4 -1.33 3.09 22.54
C GLU C 4 -2.61 3.91 22.63
N ASN C 5 -3.70 3.38 22.07
CA ASN C 5 -4.98 4.10 22.09
C ASN C 5 -5.47 4.49 23.48
N PHE C 6 -6.22 5.60 23.52
CA PHE C 6 -6.78 6.09 24.76
C PHE C 6 -7.73 5.04 25.35
N ARG C 7 -7.92 5.08 26.66
CA ARG C 7 -8.76 4.11 27.36
C ARG C 7 -10.19 4.03 26.81
N ALA C 8 -10.66 5.09 26.18
CA ALA C 8 -12.02 5.06 25.65
C ALA C 8 -12.10 4.32 24.31
N TYR C 9 -12.93 3.28 24.25
CA TYR C 9 -13.13 2.49 23.04
C TYR C 9 -14.09 3.23 22.11
N VAL C 10 -14.25 2.73 20.89
CA VAL C 10 -15.17 3.36 19.96
C VAL C 10 -16.56 3.30 20.58
#